data_7XCA
#
_entry.id   7XCA
#
_cell.length_a   46.480
_cell.length_b   105.170
_cell.length_c   47.470
_cell.angle_alpha   90.000
_cell.angle_beta   111.910
_cell.angle_gamma   90.000
#
_symmetry.space_group_name_H-M   'P 1 21 1'
#
loop_
_entity.id
_entity.type
_entity.pdbx_description
1 polymer 'Capsid protein spike domain'
2 non-polymer 'CHLORIDE ION'
3 non-polymer 'MAGNESIUM ION'
4 water water
#
_entity_poly.entity_id   1
_entity_poly.type   'polypeptide(L)'
_entity_poly.pdbx_seq_one_letter_code
;MDIGINSDGETPVTFKAYRMMPEDTIYLRFKPDTLSVVSNFQPAKRPMLAKTYSGDTLTVGQGNNKTAIHTVVRISDPTW
FSADWDPISTPQPIAEIYCKAGTTTVGDILAAYQVHGLGNHTTTAYVVRMTAGANPQVSAGIVTNKGTNDYDLKTANSNA
GFSWNLGSGTWYLMMSFGDALGSLGTWRWTPNELSANYTIYNCEIIPCLLLANDDFHIVIPTKNALVPLVARERHLDQGR
QVQIQPTEPPASEVEDVGKLAAALEHHHHHH
;
_entity_poly.pdbx_strand_id   A,B
#
loop_
_chem_comp.id
_chem_comp.type
_chem_comp.name
_chem_comp.formula
CL non-polymer 'CHLORIDE ION' 'Cl -1'
MG non-polymer 'MAGNESIUM ION' 'Mg 2'
#
# COMPACT_ATOMS: atom_id res chain seq x y z
N GLU A 23 16.54 -11.75 15.04
CA GLU A 23 17.02 -10.38 14.94
C GLU A 23 17.25 -9.97 13.48
N ASP A 24 17.78 -10.90 12.68
CA ASP A 24 17.98 -10.62 11.26
C ASP A 24 16.64 -10.40 10.57
N THR A 25 16.63 -9.48 9.60
CA THR A 25 15.42 -9.15 8.87
C THR A 25 15.15 -10.18 7.79
N ILE A 26 13.95 -10.72 7.77
CA ILE A 26 13.49 -11.60 6.71
C ILE A 26 12.28 -10.96 6.06
N TYR A 27 12.17 -11.11 4.74
CA TYR A 27 11.07 -10.54 3.99
C TYR A 27 10.03 -11.59 3.66
N LEU A 28 8.76 -11.21 3.80
CA LEU A 28 7.63 -12.02 3.38
C LEU A 28 6.99 -11.34 2.17
N ARG A 29 6.97 -12.06 1.04
CA ARG A 29 6.23 -11.64 -0.14
C ARG A 29 4.99 -12.51 -0.27
N PHE A 30 3.83 -11.88 -0.41
CA PHE A 30 2.57 -12.62 -0.41
C PHE A 30 1.51 -11.74 -1.05
N LYS A 31 0.39 -12.38 -1.39
CA LYS A 31 -0.75 -11.65 -1.92
C LYS A 31 -1.80 -11.51 -0.84
N PRO A 32 -2.15 -10.29 -0.43
CA PRO A 32 -3.22 -10.15 0.56
C PRO A 32 -4.56 -10.50 -0.05
N ASP A 33 -5.43 -11.05 0.81
CA ASP A 33 -6.76 -11.47 0.39
C ASP A 33 -7.73 -11.08 1.48
N THR A 34 -8.64 -10.17 1.17
CA THR A 34 -9.60 -9.66 2.15
C THR A 34 -10.50 -10.78 2.63
N LEU A 35 -10.67 -10.88 3.95
CA LEU A 35 -11.57 -11.88 4.50
C LEU A 35 -13.01 -11.51 4.17
N SER A 36 -13.80 -12.52 3.80
CA SER A 36 -15.23 -12.34 3.61
C SER A 36 -15.92 -12.44 4.97
N VAL A 37 -16.53 -11.35 5.41
CA VAL A 37 -17.10 -11.30 6.74
C VAL A 37 -18.52 -11.82 6.71
N VAL A 38 -18.99 -12.26 7.87
CA VAL A 38 -20.37 -12.73 7.98
C VAL A 38 -21.21 -11.57 8.50
N SER A 39 -22.19 -11.18 7.69
CA SER A 39 -23.04 -10.05 8.00
C SER A 39 -24.27 -10.17 7.12
N ASN A 40 -25.24 -9.29 7.35
CA ASN A 40 -26.44 -9.27 6.53
C ASN A 40 -26.46 -8.09 5.56
N PHE A 41 -25.28 -7.57 5.21
CA PHE A 41 -25.17 -6.29 4.54
C PHE A 41 -24.11 -6.34 3.46
N GLN A 42 -24.37 -5.64 2.34
CA GLN A 42 -23.32 -5.16 1.44
C GLN A 42 -22.52 -6.32 0.86
N PRO A 43 -21.36 -6.09 0.23
CA PRO A 43 -20.51 -7.24 -0.14
C PRO A 43 -19.87 -7.85 1.10
N ALA A 44 -19.94 -9.18 1.20
CA ALA A 44 -19.35 -9.88 2.33
C ALA A 44 -17.82 -9.74 2.33
N LYS A 45 -17.20 -9.64 1.15
CA LYS A 45 -15.76 -9.46 1.04
C LYS A 45 -15.47 -7.96 1.06
N ARG A 46 -15.25 -7.43 2.26
CA ARG A 46 -14.89 -6.03 2.44
C ARG A 46 -13.95 -5.92 3.62
N PRO A 47 -13.03 -4.95 3.61
CA PRO A 47 -12.02 -4.86 4.68
C PRO A 47 -12.65 -4.25 5.94
N MET A 48 -12.61 -5.01 7.03
CA MET A 48 -13.21 -4.58 8.29
C MET A 48 -12.19 -4.67 9.40
N LEU A 49 -12.39 -3.85 10.43
CA LEU A 49 -11.60 -3.87 11.64
C LEU A 49 -12.51 -4.06 12.84
N ALA A 50 -11.93 -4.53 13.95
CA ALA A 50 -12.70 -4.86 15.14
C ALA A 50 -12.40 -3.85 16.25
N LYS A 51 -13.47 -3.29 16.82
CA LYS A 51 -13.36 -2.48 18.03
C LYS A 51 -13.65 -3.30 19.29
N THR A 52 -14.83 -3.91 19.34
CA THR A 52 -15.21 -4.76 20.47
C THR A 52 -15.60 -6.13 19.94
N TYR A 53 -15.06 -7.18 20.54
CA TYR A 53 -15.46 -8.55 20.24
C TYR A 53 -16.50 -9.03 21.24
N SER A 54 -17.53 -9.71 20.73
CA SER A 54 -18.50 -10.37 21.59
C SER A 54 -18.17 -11.84 21.84
N GLY A 55 -17.32 -12.44 21.02
CA GLY A 55 -16.97 -13.84 21.18
C GLY A 55 -15.74 -14.21 20.37
N ASP A 56 -14.97 -15.20 20.87
CA ASP A 56 -13.73 -15.62 20.23
C ASP A 56 -12.81 -14.42 19.97
N THR A 57 -12.62 -13.63 21.02
CA THR A 57 -11.86 -12.38 20.89
C THR A 57 -10.42 -12.68 20.48
N LEU A 58 -9.93 -11.94 19.50
CA LEU A 58 -8.67 -12.26 18.82
C LEU A 58 -7.51 -11.52 19.46
N THR A 59 -6.55 -12.26 20.01
CA THR A 59 -5.32 -11.66 20.52
C THR A 59 -4.12 -12.49 20.08
N VAL A 60 -2.97 -11.85 20.05
CA VAL A 60 -1.67 -12.52 19.96
C VAL A 60 -0.88 -12.06 21.17
N GLY A 61 -0.51 -13.02 22.03
CA GLY A 61 -0.02 -12.68 23.35
C GLY A 61 1.20 -13.50 23.74
N GLN A 62 1.88 -13.00 24.76
CA GLN A 62 3.01 -13.68 25.39
C GLN A 62 2.82 -13.52 26.90
N GLY A 63 2.43 -14.61 27.56
CA GLY A 63 2.05 -14.52 28.95
C GLY A 63 0.82 -13.65 29.10
N ASN A 64 0.83 -12.79 30.12
CA ASN A 64 -0.23 -11.80 30.29
C ASN A 64 -0.20 -10.73 29.19
N ASN A 65 0.96 -10.42 28.65
CA ASN A 65 1.07 -9.36 27.64
C ASN A 65 0.37 -9.79 26.36
N LYS A 66 -0.50 -8.92 25.83
CA LYS A 66 -1.25 -9.23 24.63
C LYS A 66 -1.23 -8.09 23.62
N THR A 67 -1.28 -8.46 22.34
CA THR A 67 -1.59 -7.54 21.25
C THR A 67 -3.04 -7.79 20.85
N ALA A 68 -3.87 -6.75 20.87
CA ALA A 68 -5.26 -6.89 20.46
C ALA A 68 -5.34 -6.83 18.94
N ILE A 69 -5.85 -7.88 18.31
CA ILE A 69 -5.88 -7.95 16.86
C ILE A 69 -7.05 -7.14 16.33
N HIS A 70 -6.75 -6.13 15.52
CA HIS A 70 -7.76 -5.21 15.02
C HIS A 70 -8.26 -5.53 13.63
N THR A 71 -7.45 -6.15 12.78
CA THR A 71 -7.92 -6.61 11.48
C THR A 71 -7.09 -7.79 11.02
N VAL A 72 -7.63 -8.52 10.05
CA VAL A 72 -7.02 -9.76 9.56
C VAL A 72 -7.20 -9.82 8.06
N VAL A 73 -6.15 -10.23 7.36
CA VAL A 73 -6.23 -10.62 5.95
C VAL A 73 -5.59 -11.99 5.81
N ARG A 74 -6.06 -12.75 4.82
CA ARG A 74 -5.44 -14.03 4.51
C ARG A 74 -4.13 -13.79 3.76
N ILE A 75 -3.09 -14.52 4.14
CA ILE A 75 -1.83 -14.51 3.42
C ILE A 75 -1.89 -15.62 2.38
N SER A 76 -1.71 -15.25 1.11
CA SER A 76 -1.77 -16.22 0.02
C SER A 76 -0.51 -16.14 -0.81
N ASP A 77 -0.08 -17.30 -1.32
CA ASP A 77 1.18 -17.45 -2.04
C ASP A 77 2.38 -16.79 -1.34
N PRO A 78 2.69 -17.18 -0.12
CA PRO A 78 3.83 -16.56 0.58
C PRO A 78 5.16 -17.18 0.19
N THR A 79 6.18 -16.34 0.06
CA THR A 79 7.57 -16.78 -0.07
C THR A 79 8.43 -15.89 0.81
N TRP A 80 9.54 -16.46 1.29
CA TRP A 80 10.41 -15.79 2.24
C TRP A 80 11.78 -15.51 1.64
N PHE A 81 12.39 -14.41 2.09
CA PHE A 81 13.72 -14.03 1.67
C PHE A 81 14.54 -13.59 2.87
N SER A 82 15.82 -13.97 2.87
CA SER A 82 16.81 -13.44 3.81
C SER A 82 17.01 -11.95 3.62
N ALA A 83 17.73 -11.35 4.56
CA ALA A 83 18.13 -9.94 4.43
C ALA A 83 18.89 -9.68 3.14
N ASP A 84 19.58 -10.70 2.61
CA ASP A 84 20.32 -10.57 1.36
C ASP A 84 19.49 -10.98 0.15
N TRP A 85 18.18 -11.18 0.33
CA TRP A 85 17.24 -11.47 -0.75
C TRP A 85 17.49 -12.82 -1.42
N ASP A 86 18.07 -13.76 -0.68
CA ASP A 86 18.06 -15.16 -1.11
C ASP A 86 16.82 -15.86 -0.57
N PRO A 87 16.17 -16.72 -1.35
CA PRO A 87 14.98 -17.42 -0.84
C PRO A 87 15.37 -18.37 0.28
N ILE A 88 14.53 -18.39 1.32
CA ILE A 88 14.76 -19.23 2.50
C ILE A 88 13.49 -20.01 2.77
N SER A 89 13.62 -21.01 3.65
CA SER A 89 12.48 -21.82 4.04
C SER A 89 11.63 -21.08 5.07
N THR A 90 10.40 -21.56 5.25
CA THR A 90 9.51 -21.01 6.26
C THR A 90 10.19 -21.00 7.63
N PRO A 91 10.16 -19.88 8.34
CA PRO A 91 10.82 -19.84 9.66
C PRO A 91 10.11 -20.74 10.66
N GLN A 92 10.88 -21.13 11.68
CA GLN A 92 10.30 -21.78 12.84
C GLN A 92 9.43 -20.78 13.60
N PRO A 93 8.42 -21.26 14.32
CA PRO A 93 7.60 -20.34 15.11
C PRO A 93 8.40 -19.62 16.17
N ILE A 94 8.09 -18.33 16.36
CA ILE A 94 8.67 -17.60 17.47
C ILE A 94 8.22 -18.26 18.76
N ALA A 95 9.18 -18.60 19.61
CA ALA A 95 8.88 -19.33 20.84
C ALA A 95 8.04 -18.49 21.79
N GLU A 96 7.04 -19.13 22.40
CA GLU A 96 6.32 -18.62 23.57
C GLU A 96 5.26 -17.57 23.22
N ILE A 97 5.08 -17.25 21.93
CA ILE A 97 4.07 -16.30 21.48
C ILE A 97 3.00 -17.09 20.76
N TYR A 98 1.74 -16.79 21.06
CA TYR A 98 0.65 -17.58 20.52
C TYR A 98 -0.53 -16.70 20.13
N CYS A 99 -1.27 -17.16 19.11
CA CYS A 99 -2.55 -16.56 18.74
C CYS A 99 -3.67 -17.27 19.49
N LYS A 100 -4.52 -16.51 20.18
CA LYS A 100 -5.62 -17.08 20.94
C LYS A 100 -6.94 -16.44 20.54
N ALA A 101 -7.96 -17.28 20.41
CA ALA A 101 -9.34 -16.85 20.26
C ALA A 101 -10.03 -17.14 21.59
N GLY A 102 -10.46 -16.09 22.28
CA GLY A 102 -10.83 -16.28 23.68
C GLY A 102 -9.60 -16.69 24.46
N THR A 103 -9.71 -17.80 25.19
CA THR A 103 -8.57 -18.35 25.92
C THR A 103 -7.85 -19.43 25.13
N THR A 104 -8.44 -19.96 24.07
CA THR A 104 -7.87 -21.09 23.34
C THR A 104 -6.76 -20.64 22.40
N THR A 105 -5.60 -21.30 22.51
CA THR A 105 -4.56 -21.11 21.51
C THR A 105 -5.01 -21.68 20.17
N VAL A 106 -4.86 -20.88 19.11
CA VAL A 106 -5.38 -21.27 17.80
C VAL A 106 -4.38 -21.10 16.68
N GLY A 107 -3.13 -20.73 16.96
CA GLY A 107 -2.16 -20.56 15.90
C GLY A 107 -0.77 -20.26 16.40
N ASP A 108 0.21 -20.54 15.55
CA ASP A 108 1.60 -20.16 15.76
C ASP A 108 1.88 -18.82 15.06
N ILE A 109 2.98 -18.19 15.46
CA ILE A 109 3.43 -16.95 14.84
C ILE A 109 4.78 -17.22 14.18
N LEU A 110 4.83 -17.07 12.86
CA LEU A 110 6.05 -17.33 12.11
C LEU A 110 6.99 -16.13 12.08
N ALA A 111 6.45 -14.92 12.02
CA ALA A 111 7.25 -13.71 11.92
C ALA A 111 6.49 -12.53 12.51
N ALA A 112 7.22 -11.47 12.83
CA ALA A 112 6.64 -10.32 13.53
C ALA A 112 7.12 -9.02 12.90
N TYR A 113 6.18 -8.12 12.66
CA TYR A 113 6.43 -6.81 12.07
C TYR A 113 5.91 -5.77 13.06
N GLN A 114 6.78 -4.84 13.47
CA GLN A 114 6.34 -3.76 14.34
C GLN A 114 7.06 -2.48 13.95
N VAL A 115 6.28 -1.41 13.79
CA VAL A 115 6.80 -0.10 13.41
C VAL A 115 6.46 0.88 14.52
N HIS A 116 7.47 1.58 15.03
CA HIS A 116 7.29 2.64 16.03
C HIS A 116 7.22 3.96 15.26
N GLY A 117 6.02 4.49 15.07
CA GLY A 117 5.83 5.69 14.27
C GLY A 117 5.83 6.95 15.10
N LEU A 118 5.49 8.05 14.43
CA LEU A 118 5.40 9.34 15.10
C LEU A 118 4.35 9.31 16.20
N GLY A 119 4.61 10.10 17.25
CA GLY A 119 3.64 10.28 18.33
C GLY A 119 3.15 9.01 18.99
N ASN A 120 4.07 8.09 19.30
CA ASN A 120 3.79 6.81 19.95
C ASN A 120 2.92 5.88 19.11
N HIS A 121 2.64 6.23 17.86
CA HIS A 121 1.87 5.33 17.00
C HIS A 121 2.62 4.01 16.84
N THR A 122 1.93 2.92 17.08
CA THR A 122 2.51 1.59 16.97
C THR A 122 1.68 0.76 16.02
N THR A 123 2.34 0.09 15.08
CA THR A 123 1.70 -0.78 14.12
C THR A 123 2.36 -2.15 14.21
N THR A 124 1.57 -3.18 14.48
CA THR A 124 2.06 -4.54 14.65
C THR A 124 1.33 -5.46 13.68
N ALA A 125 2.10 -6.34 13.01
CA ALA A 125 1.54 -7.34 12.13
C ALA A 125 2.20 -8.68 12.43
N TYR A 126 1.39 -9.68 12.73
CA TYR A 126 1.87 -11.02 13.02
C TYR A 126 1.53 -11.94 11.85
N VAL A 127 2.50 -12.73 11.42
CA VAL A 127 2.24 -13.80 10.47
C VAL A 127 1.76 -15.00 11.28
N VAL A 128 0.47 -15.30 11.21
CA VAL A 128 -0.15 -16.30 12.07
C VAL A 128 -0.47 -17.52 11.22
N ARG A 129 0.02 -18.68 11.66
CA ARG A 129 -0.33 -19.95 11.04
C ARG A 129 -1.33 -20.64 11.95
N MET A 130 -2.58 -20.73 11.49
CA MET A 130 -3.65 -21.28 12.32
C MET A 130 -3.47 -22.79 12.51
N THR A 131 -3.45 -23.23 13.77
CA THR A 131 -3.48 -24.64 14.10
C THR A 131 -4.85 -25.07 14.60
N ALA A 132 -5.85 -24.20 14.51
CA ALA A 132 -7.22 -24.53 14.87
C ALA A 132 -8.14 -23.47 14.29
N GLY A 133 -9.41 -23.83 14.12
CA GLY A 133 -10.38 -22.87 13.64
C GLY A 133 -10.78 -21.86 14.70
N ALA A 134 -11.31 -20.73 14.24
CA ALA A 134 -11.74 -19.66 15.12
C ALA A 134 -12.83 -18.86 14.45
N ASN A 135 -13.75 -18.33 15.26
CA ASN A 135 -14.93 -17.60 14.78
C ASN A 135 -15.08 -16.30 15.58
N PRO A 136 -14.20 -15.32 15.35
CA PRO A 136 -14.29 -14.06 16.10
C PRO A 136 -15.53 -13.27 15.70
N GLN A 137 -16.30 -12.87 16.71
CA GLN A 137 -17.54 -12.12 16.51
C GLN A 137 -17.36 -10.69 17.03
N VAL A 138 -17.64 -9.71 16.18
CA VAL A 138 -17.36 -8.30 16.46
C VAL A 138 -18.67 -7.57 16.73
N SER A 139 -18.83 -7.06 17.96
CA SER A 139 -20.02 -6.26 18.29
C SER A 139 -19.93 -4.86 17.69
N ALA A 140 -18.80 -4.18 17.86
CA ALA A 140 -18.60 -2.84 17.34
C ALA A 140 -17.46 -2.92 16.33
N GLY A 141 -17.75 -2.56 15.08
CA GLY A 141 -16.79 -2.68 14.01
C GLY A 141 -16.15 -1.34 13.65
N ILE A 142 -15.09 -1.42 12.86
CA ILE A 142 -14.35 -0.25 12.42
C ILE A 142 -14.02 -0.42 10.94
N VAL A 143 -14.07 0.68 10.19
CA VAL A 143 -13.56 0.73 8.83
C VAL A 143 -12.55 1.86 8.76
N THR A 144 -11.73 1.83 7.71
CA THR A 144 -10.83 2.93 7.43
C THR A 144 -11.49 3.86 6.44
N ASN A 145 -11.43 5.15 6.71
CA ASN A 145 -12.00 6.18 5.87
C ASN A 145 -10.91 7.18 5.51
N LYS A 146 -11.23 8.07 4.58
CA LYS A 146 -10.31 9.16 4.27
C LYS A 146 -11.13 10.35 3.79
N GLY A 147 -11.12 11.41 4.56
CA GLY A 147 -11.71 12.64 4.11
C GLY A 147 -10.77 13.40 3.22
N THR A 148 -11.29 14.49 2.64
CA THR A 148 -10.50 15.28 1.72
C THR A 148 -9.35 16.01 2.41
N ASN A 149 -9.40 16.13 3.73
CA ASN A 149 -8.33 16.77 4.49
C ASN A 149 -7.51 15.78 5.31
N ASP A 150 -7.70 14.49 5.10
CA ASP A 150 -6.80 13.46 5.62
C ASP A 150 -5.81 13.04 4.55
N TYR A 151 -4.56 12.84 4.96
CA TYR A 151 -3.52 12.35 4.07
C TYR A 151 -3.16 10.92 4.37
N ASP A 152 -3.82 10.32 5.36
CA ASP A 152 -3.69 8.91 5.68
C ASP A 152 -5.08 8.37 5.96
N LEU A 153 -5.21 7.04 5.93
CA LEU A 153 -6.45 6.43 6.35
C LEU A 153 -6.74 6.80 7.80
N LYS A 154 -8.02 6.91 8.12
CA LYS A 154 -8.45 7.19 9.48
C LYS A 154 -9.60 6.27 9.84
N THR A 155 -9.69 5.92 11.11
CA THR A 155 -10.69 4.94 11.53
C THR A 155 -12.05 5.60 11.73
N ALA A 156 -13.09 4.82 11.47
CA ALA A 156 -14.47 5.24 11.64
C ALA A 156 -15.28 4.04 12.11
N ASN A 157 -16.42 4.32 12.73
CA ASN A 157 -17.28 3.26 13.25
C ASN A 157 -18.03 2.59 12.10
N SER A 158 -18.07 1.25 12.11
CA SER A 158 -18.90 0.42 11.25
C SER A 158 -20.35 0.88 11.25
N ASN A 159 -21.16 0.47 10.27
CA ASN A 159 -22.57 0.70 10.61
C ASN A 159 -23.26 -0.55 11.16
N ALA A 160 -22.53 -1.65 11.30
CA ALA A 160 -22.96 -2.81 12.07
C ALA A 160 -21.76 -3.71 12.34
N GLY A 161 -21.99 -4.75 13.15
CA GLY A 161 -20.95 -5.71 13.48
C GLY A 161 -20.83 -6.79 12.41
N PHE A 162 -20.06 -7.82 12.73
CA PHE A 162 -19.78 -8.88 11.77
C PHE A 162 -19.06 -9.99 12.51
N SER A 163 -18.74 -11.06 11.78
CA SER A 163 -17.92 -12.13 12.29
C SER A 163 -16.95 -12.58 11.20
N TRP A 164 -15.80 -13.09 11.63
CA TRP A 164 -14.80 -13.69 10.76
C TRP A 164 -14.79 -15.20 10.94
N ASN A 165 -14.33 -15.91 9.90
CA ASN A 165 -14.12 -17.34 9.97
C ASN A 165 -12.68 -17.61 9.59
N LEU A 166 -11.90 -18.12 10.54
CA LEU A 166 -10.46 -18.35 10.37
C LEU A 166 -10.24 -19.85 10.27
N GLY A 167 -9.91 -20.32 9.08
CA GLY A 167 -9.69 -21.74 8.87
C GLY A 167 -8.33 -22.18 9.40
N SER A 168 -8.32 -23.36 10.01
CA SER A 168 -7.08 -23.95 10.51
C SER A 168 -6.21 -24.38 9.33
N GLY A 169 -4.90 -24.22 9.48
CA GLY A 169 -3.97 -24.45 8.41
C GLY A 169 -3.69 -23.24 7.54
N THR A 170 -4.63 -22.29 7.49
CA THR A 170 -4.44 -21.07 6.72
C THR A 170 -3.55 -20.09 7.49
N TRP A 171 -2.80 -19.28 6.74
CA TRP A 171 -1.98 -18.22 7.31
C TRP A 171 -2.73 -16.90 7.24
N TYR A 172 -2.65 -16.11 8.30
CA TYR A 172 -3.29 -14.81 8.33
C TYR A 172 -2.31 -13.77 8.85
N LEU A 173 -2.39 -12.58 8.29
CA LEU A 173 -1.69 -11.43 8.84
C LEU A 173 -2.63 -10.70 9.78
N MET A 174 -2.29 -10.66 11.06
CA MET A 174 -3.15 -10.11 12.10
C MET A 174 -2.53 -8.82 12.61
N MET A 175 -3.23 -7.71 12.43
CA MET A 175 -2.66 -6.39 12.62
C MET A 175 -3.31 -5.68 13.81
N SER A 176 -2.56 -4.73 14.38
CA SER A 176 -3.01 -3.97 15.54
C SER A 176 -2.42 -2.57 15.47
N PHE A 177 -3.21 -1.58 15.90
CA PHE A 177 -2.87 -0.17 15.77
C PHE A 177 -3.24 0.55 17.06
N GLY A 178 -2.28 1.24 17.66
CA GLY A 178 -2.55 1.98 18.87
C GLY A 178 -1.30 2.68 19.33
N ASP A 179 -1.45 3.50 20.36
CA ASP A 179 -0.33 4.21 20.93
C ASP A 179 0.28 3.39 22.06
N ALA A 180 1.60 3.35 22.11
CA ALA A 180 2.29 2.52 23.09
C ALA A 180 3.70 3.06 23.31
N LEU A 181 4.25 2.78 24.49
CA LEU A 181 5.59 3.22 24.85
C LEU A 181 6.60 2.10 24.67
N GLY A 182 7.85 2.48 24.43
CA GLY A 182 8.92 1.51 24.34
C GLY A 182 10.19 2.08 23.76
N SER A 183 11.32 1.73 24.33
CA SER A 183 12.55 2.18 23.73
C SER A 183 12.75 1.45 22.40
N LEU A 184 13.79 1.85 21.69
CA LEU A 184 14.02 1.27 20.38
C LEU A 184 14.64 -0.12 20.55
N GLY A 185 14.13 -1.10 19.79
CA GLY A 185 14.42 -2.50 20.03
C GLY A 185 13.63 -3.13 21.16
N THR A 186 12.76 -2.38 21.82
CA THR A 186 11.82 -2.94 22.78
C THR A 186 10.51 -3.25 22.08
N TRP A 187 10.03 -4.48 22.23
CA TRP A 187 8.76 -4.86 21.66
C TRP A 187 7.63 -4.17 22.40
N ARG A 188 6.72 -3.55 21.66
CA ARG A 188 5.59 -2.83 22.23
C ARG A 188 4.34 -3.70 22.19
N TRP A 189 3.46 -3.47 23.16
CA TRP A 189 2.20 -4.19 23.27
C TRP A 189 1.05 -3.21 23.13
N THR A 190 0.16 -3.48 22.18
CA THR A 190 -1.05 -2.67 22.01
C THR A 190 -2.26 -3.53 22.36
N PRO A 191 -2.65 -3.60 23.62
CA PRO A 191 -3.82 -4.40 24.03
C PRO A 191 -5.13 -3.63 23.93
N ASN A 192 -5.08 -2.41 23.42
CA ASN A 192 -6.20 -1.48 23.42
C ASN A 192 -7.23 -1.83 22.36
N GLU A 193 -8.46 -1.38 22.60
CA GLU A 193 -9.46 -1.34 21.54
C GLU A 193 -9.02 -0.36 20.46
N LEU A 194 -9.34 -0.68 19.22
CA LEU A 194 -9.22 0.29 18.14
C LEU A 194 -10.51 1.09 18.06
N SER A 195 -10.40 2.42 18.16
CA SER A 195 -11.56 3.30 18.13
C SER A 195 -11.50 4.19 16.89
N ALA A 196 -12.53 5.02 16.74
CA ALA A 196 -12.65 5.83 15.54
C ALA A 196 -11.76 7.06 15.62
N ASN A 197 -11.55 7.68 14.45
CA ASN A 197 -10.71 8.87 14.29
C ASN A 197 -9.30 8.66 14.81
N TYR A 198 -8.76 7.45 14.66
CA TYR A 198 -7.36 7.18 14.90
C TYR A 198 -6.67 7.01 13.54
N THR A 199 -5.59 7.75 13.34
CA THR A 199 -4.91 7.78 12.05
C THR A 199 -3.90 6.65 11.94
N ILE A 200 -4.05 5.84 10.90
CA ILE A 200 -3.13 4.74 10.61
C ILE A 200 -2.15 5.25 9.55
N TYR A 201 -0.92 5.54 9.97
CA TYR A 201 0.07 6.11 9.08
C TYR A 201 0.48 5.14 7.98
N ASN A 202 0.66 5.68 6.77
CA ASN A 202 1.14 4.90 5.63
C ASN A 202 2.33 4.03 6.02
N CYS A 203 2.38 2.82 5.47
CA CYS A 203 3.38 1.82 5.83
C CYS A 203 3.31 0.69 4.80
N GLU A 204 4.15 -0.33 5.00
CA GLU A 204 4.20 -1.46 4.09
C GLU A 204 2.89 -2.23 4.03
N ILE A 205 2.15 -2.31 5.15
CA ILE A 205 0.99 -3.20 5.21
C ILE A 205 -0.30 -2.44 4.87
N ILE A 206 -0.17 -1.18 4.44
CA ILE A 206 -1.34 -0.35 4.15
C ILE A 206 -2.21 -0.93 3.03
N PRO A 207 -1.69 -1.69 2.05
CA PRO A 207 -2.61 -2.32 1.09
C PRO A 207 -3.55 -3.35 1.72
N CYS A 208 -3.22 -3.88 2.89
CA CYS A 208 -4.08 -4.86 3.56
C CYS A 208 -5.29 -4.22 4.23
N LEU A 209 -5.42 -2.89 4.21
CA LEU A 209 -6.57 -2.21 4.78
C LEU A 209 -7.62 -1.85 3.73
N LEU A 210 -7.32 -2.07 2.46
CA LEU A 210 -8.26 -1.88 1.37
C LEU A 210 -8.58 -3.23 0.75
N LEU A 211 -9.67 -3.28 -0.01
CA LEU A 211 -10.12 -4.53 -0.59
C LEU A 211 -9.02 -5.15 -1.43
N ALA A 212 -8.60 -6.36 -1.05
CA ALA A 212 -7.54 -7.09 -1.74
C ALA A 212 -8.11 -8.40 -2.28
N ASN A 213 -7.94 -8.64 -3.57
CA ASN A 213 -8.59 -9.75 -4.26
C ASN A 213 -7.60 -10.85 -4.66
N ASP A 214 -6.54 -11.05 -3.87
CA ASP A 214 -5.60 -12.14 -4.09
C ASP A 214 -4.96 -12.06 -5.48
N ASP A 215 -4.66 -10.82 -5.92
CA ASP A 215 -4.19 -10.61 -7.29
C ASP A 215 -2.98 -9.70 -7.40
N PHE A 216 -2.31 -9.37 -6.29
CA PHE A 216 -1.04 -8.67 -6.36
C PHE A 216 -0.23 -8.95 -5.10
N HIS A 217 1.09 -8.89 -5.25
CA HIS A 217 2.03 -9.18 -4.18
C HIS A 217 2.50 -7.90 -3.49
N ILE A 218 2.74 -8.01 -2.18
CA ILE A 218 3.49 -7.00 -1.45
C ILE A 218 4.62 -7.70 -0.71
N VAL A 219 5.65 -6.93 -0.37
CA VAL A 219 6.79 -7.43 0.38
C VAL A 219 6.87 -6.66 1.68
N ILE A 220 6.89 -7.39 2.80
CA ILE A 220 6.96 -6.73 4.11
C ILE A 220 8.20 -7.22 4.83
N PRO A 221 8.91 -6.36 5.56
CA PRO A 221 10.02 -6.82 6.39
C PRO A 221 9.50 -7.34 7.72
N THR A 222 10.09 -8.45 8.18
CA THR A 222 9.66 -9.09 9.42
C THR A 222 10.89 -9.54 10.19
N LYS A 223 10.66 -10.10 11.37
CA LYS A 223 11.69 -10.73 12.18
C LYS A 223 11.17 -12.04 12.71
N ASN A 224 12.04 -13.06 12.74
CA ASN A 224 11.70 -14.31 13.40
C ASN A 224 11.79 -14.22 14.92
N ALA A 225 11.87 -13.00 15.46
CA ALA A 225 11.79 -12.76 16.88
C ALA A 225 10.80 -11.62 17.13
N LEU A 226 10.56 -11.33 18.42
CA LEU A 226 9.78 -10.18 18.82
C LEU A 226 10.72 -8.98 18.98
N VAL A 227 11.22 -8.53 17.83
CA VAL A 227 12.14 -7.40 17.74
C VAL A 227 11.57 -6.43 16.72
N PRO A 228 11.40 -5.15 17.07
CA PRO A 228 10.77 -4.21 16.12
C PRO A 228 11.76 -3.77 15.05
N LEU A 229 11.20 -3.19 13.98
CA LEU A 229 12.05 -2.58 12.98
C LEU A 229 12.57 -1.24 13.51
N VAL A 230 13.57 -0.68 12.82
CA VAL A 230 14.12 0.60 13.24
C VAL A 230 13.02 1.65 13.21
N ALA A 231 13.06 2.58 14.17
CA ALA A 231 11.92 3.44 14.49
C ALA A 231 11.49 4.34 13.33
N ARG A 232 10.19 4.60 13.30
CA ARG A 232 9.52 5.50 12.35
C ARG A 232 9.74 5.00 10.92
N GLU A 233 9.13 3.85 10.66
CA GLU A 233 9.35 3.12 9.42
C GLU A 233 8.13 2.34 8.94
N ASP B 24 11.27 -10.97 -18.40
CA ASP B 24 10.59 -9.77 -18.83
C ASP B 24 10.32 -8.83 -17.65
N THR B 25 9.85 -9.40 -16.53
CA THR B 25 9.46 -8.63 -15.37
C THR B 25 10.68 -8.21 -14.55
N ILE B 26 10.75 -6.93 -14.22
CA ILE B 26 11.77 -6.35 -13.35
C ILE B 26 11.06 -5.81 -12.11
N TYR B 27 11.70 -5.97 -10.95
CA TYR B 27 11.15 -5.44 -9.71
C TYR B 27 11.92 -4.19 -9.30
N LEU B 28 11.17 -3.17 -8.86
CA LEU B 28 11.74 -1.97 -8.27
C LEU B 28 11.41 -1.97 -6.79
N ARG B 29 12.43 -1.94 -5.95
CA ARG B 29 12.28 -1.71 -4.52
C ARG B 29 12.72 -0.30 -4.22
N PHE B 30 11.85 0.47 -3.55
CA PHE B 30 12.13 1.88 -3.33
C PHE B 30 11.26 2.39 -2.19
N LYS B 31 11.61 3.57 -1.70
CA LYS B 31 10.82 4.25 -0.70
C LYS B 31 10.05 5.38 -1.36
N PRO B 32 8.71 5.36 -1.31
CA PRO B 32 7.97 6.51 -1.85
C PRO B 32 8.16 7.74 -1.00
N ASP B 33 8.16 8.90 -1.65
CA ASP B 33 8.40 10.17 -0.97
C ASP B 33 7.44 11.21 -1.52
N THR B 34 6.50 11.65 -0.69
CA THR B 34 5.46 12.58 -1.12
C THR B 34 6.08 13.92 -1.53
N LEU B 35 5.68 14.42 -2.69
CA LEU B 35 6.16 15.71 -3.16
C LEU B 35 5.57 16.85 -2.33
N SER B 36 6.42 17.81 -1.99
CA SER B 36 5.97 19.04 -1.34
C SER B 36 5.52 20.02 -2.42
N VAL B 37 4.23 20.31 -2.44
CA VAL B 37 3.67 21.17 -3.47
C VAL B 37 3.68 22.60 -2.96
N VAL B 38 3.76 23.56 -3.89
CA VAL B 38 3.68 24.97 -3.55
C VAL B 38 2.24 25.39 -3.83
N SER B 39 1.58 25.92 -2.81
CA SER B 39 0.17 26.23 -2.81
C SER B 39 -0.06 27.24 -1.70
N ASN B 40 -1.33 27.60 -1.48
CA ASN B 40 -1.68 28.50 -0.41
C ASN B 40 -2.23 27.78 0.81
N PHE B 41 -1.88 26.50 1.01
CA PHE B 41 -2.61 25.67 1.96
C PHE B 41 -1.73 24.73 2.76
N GLN B 42 -2.12 24.54 4.03
CA GLN B 42 -1.90 23.40 4.93
C GLN B 42 -0.47 22.85 4.82
N PRO B 43 -0.19 21.55 5.05
CA PRO B 43 1.17 21.07 4.79
C PRO B 43 1.47 21.01 3.29
N ALA B 44 2.67 21.50 2.94
CA ALA B 44 3.11 21.43 1.55
C ALA B 44 3.35 19.99 1.11
N LYS B 45 3.77 19.12 2.03
CA LYS B 45 3.98 17.70 1.73
C LYS B 45 2.69 16.95 2.02
N ARG B 46 1.85 16.85 0.99
CA ARG B 46 0.59 16.11 1.09
C ARG B 46 0.32 15.46 -0.25
N PRO B 47 -0.33 14.30 -0.26
CA PRO B 47 -0.54 13.57 -1.51
C PRO B 47 -1.64 14.24 -2.32
N MET B 48 -1.29 14.72 -3.51
CA MET B 48 -2.22 15.42 -4.38
C MET B 48 -2.21 14.80 -5.76
N LEU B 49 -3.33 14.96 -6.46
CA LEU B 49 -3.44 14.55 -7.84
C LEU B 49 -3.85 15.76 -8.67
N ALA B 50 -3.56 15.69 -9.96
CA ALA B 50 -3.80 16.80 -10.87
C ALA B 50 -4.95 16.46 -11.80
N LYS B 51 -5.92 17.37 -11.89
CA LYS B 51 -6.96 17.26 -12.91
C LYS B 51 -6.59 18.07 -14.15
N THR B 52 -6.30 19.36 -13.97
CA THR B 52 -5.92 20.23 -15.07
C THR B 52 -4.59 20.91 -14.75
N TYR B 53 -3.67 20.87 -15.71
CA TYR B 53 -2.43 21.63 -15.64
C TYR B 53 -2.60 22.94 -16.39
N SER B 54 -2.09 24.04 -15.79
CA SER B 54 -2.07 25.32 -16.48
C SER B 54 -0.77 25.55 -17.25
N GLY B 55 0.29 24.83 -16.89
CA GLY B 55 1.59 25.00 -17.49
C GLY B 55 2.50 23.84 -17.15
N ASP B 56 3.46 23.53 -18.03
CA ASP B 56 4.34 22.39 -17.86
C ASP B 56 3.53 21.11 -17.65
N THR B 57 2.57 20.89 -18.55
CA THR B 57 1.65 19.78 -18.42
C THR B 57 2.40 18.46 -18.52
N LEU B 58 2.08 17.54 -17.60
CA LEU B 58 2.87 16.33 -17.41
C LEU B 58 2.25 15.19 -18.22
N THR B 59 3.00 14.68 -19.19
CA THR B 59 2.62 13.49 -19.93
C THR B 59 3.85 12.63 -20.13
N VAL B 60 3.60 11.33 -20.36
CA VAL B 60 4.62 10.40 -20.82
C VAL B 60 4.11 9.82 -22.14
N GLY B 61 4.85 10.06 -23.21
CA GLY B 61 4.31 9.82 -24.53
C GLY B 61 5.29 9.12 -25.46
N GLN B 62 4.71 8.53 -26.49
CA GLN B 62 5.46 7.88 -27.57
C GLN B 62 4.72 8.23 -28.86
N GLY B 63 5.28 9.15 -29.64
CA GLY B 63 4.58 9.59 -30.83
C GLY B 63 3.27 10.29 -30.51
N ASN B 64 2.23 9.92 -31.27
CA ASN B 64 0.90 10.44 -31.02
C ASN B 64 0.34 9.99 -29.65
N ASN B 65 0.65 8.77 -29.23
CA ASN B 65 0.07 8.23 -28.00
C ASN B 65 0.72 8.84 -26.77
N LYS B 66 -0.11 9.35 -25.84
CA LYS B 66 0.39 9.91 -24.60
C LYS B 66 -0.43 9.40 -23.42
N THR B 67 0.25 9.26 -22.30
CA THR B 67 -0.39 9.04 -21.00
C THR B 67 -0.40 10.35 -20.22
N ALA B 68 -1.58 10.75 -19.75
CA ALA B 68 -1.70 11.95 -18.92
C ALA B 68 -1.30 11.60 -17.50
N ILE B 69 -0.29 12.31 -16.98
CA ILE B 69 0.23 12.03 -15.64
C ILE B 69 -0.66 12.69 -14.61
N HIS B 70 -1.22 11.89 -13.72
CA HIS B 70 -2.18 12.37 -12.74
C HIS B 70 -1.59 12.61 -11.36
N THR B 71 -0.55 11.86 -10.98
CA THR B 71 0.12 12.14 -9.72
C THR B 71 1.56 11.65 -9.82
N VAL B 72 2.38 12.15 -8.91
CA VAL B 72 3.82 11.90 -8.92
C VAL B 72 4.32 11.76 -7.49
N VAL B 73 5.21 10.80 -7.26
CA VAL B 73 6.00 10.73 -6.03
C VAL B 73 7.46 10.58 -6.39
N ARG B 74 8.32 11.08 -5.51
CA ARG B 74 9.76 10.88 -5.71
C ARG B 74 10.13 9.45 -5.32
N ILE B 75 10.96 8.82 -6.15
CA ILE B 75 11.50 7.50 -5.86
C ILE B 75 12.82 7.70 -5.11
N SER B 76 12.92 7.10 -3.93
CA SER B 76 14.12 7.21 -3.12
C SER B 76 14.65 5.83 -2.76
N ASP B 77 15.98 5.73 -2.66
CA ASP B 77 16.68 4.48 -2.43
C ASP B 77 16.18 3.34 -3.33
N PRO B 78 16.25 3.49 -4.65
CA PRO B 78 15.76 2.42 -5.53
C PRO B 78 16.82 1.34 -5.74
N THR B 79 16.36 0.08 -5.77
CA THR B 79 17.18 -1.05 -6.18
C THR B 79 16.34 -1.93 -7.09
N TRP B 80 17.02 -2.64 -7.99
CA TRP B 80 16.34 -3.45 -9.00
C TRP B 80 16.63 -4.93 -8.78
N PHE B 81 15.65 -5.77 -9.13
CA PHE B 81 15.75 -7.21 -9.01
C PHE B 81 15.26 -7.87 -10.29
N SER B 82 15.91 -8.97 -10.67
CA SER B 82 15.42 -9.84 -11.71
C SER B 82 14.09 -10.49 -11.31
N ALA B 83 13.44 -11.12 -12.28
CA ALA B 83 12.29 -11.96 -11.98
C ALA B 83 12.66 -13.05 -10.97
N ASP B 84 13.93 -13.47 -10.94
CA ASP B 84 14.42 -14.45 -9.99
C ASP B 84 14.95 -13.82 -8.70
N TRP B 85 14.72 -12.53 -8.50
CA TRP B 85 15.12 -11.81 -7.29
C TRP B 85 16.62 -11.75 -7.12
N ASP B 86 17.36 -11.84 -8.22
CA ASP B 86 18.75 -11.48 -8.13
C ASP B 86 18.91 -9.99 -8.41
N PRO B 87 19.77 -9.29 -7.67
CA PRO B 87 19.94 -7.86 -7.90
C PRO B 87 20.55 -7.61 -9.27
N ILE B 88 20.03 -6.61 -9.97
CA ILE B 88 20.48 -6.25 -11.31
C ILE B 88 20.76 -4.74 -11.33
N SER B 89 21.39 -4.31 -12.41
CA SER B 89 21.68 -2.88 -12.53
C SER B 89 20.45 -2.12 -13.04
N THR B 90 20.54 -0.81 -12.96
CA THR B 90 19.51 0.05 -13.53
C THR B 90 19.33 -0.28 -15.01
N PRO B 91 18.12 -0.53 -15.47
CA PRO B 91 17.90 -0.85 -16.88
C PRO B 91 18.18 0.34 -17.78
N GLN B 92 18.44 0.04 -19.05
CA GLN B 92 18.50 1.08 -20.06
C GLN B 92 17.11 1.70 -20.24
N PRO B 93 17.05 2.96 -20.66
CA PRO B 93 15.75 3.59 -20.90
C PRO B 93 14.99 2.88 -22.02
N ILE B 94 13.67 2.76 -21.84
CA ILE B 94 12.83 2.26 -22.91
C ILE B 94 12.87 3.24 -24.08
N ALA B 95 13.20 2.73 -25.26
CA ALA B 95 13.40 3.58 -26.42
C ALA B 95 12.09 4.21 -26.88
N GLU B 96 12.15 5.48 -27.25
CA GLU B 96 11.12 6.24 -27.97
C GLU B 96 9.98 6.72 -27.10
N ILE B 97 10.01 6.47 -25.79
CA ILE B 97 9.02 6.99 -24.85
C ILE B 97 9.68 8.06 -23.99
N TYR B 98 8.98 9.18 -23.80
CA TYR B 98 9.57 10.32 -23.10
C TYR B 98 8.54 10.96 -22.18
N CYS B 99 9.05 11.50 -21.09
CA CYS B 99 8.28 12.37 -20.21
C CYS B 99 8.45 13.81 -20.67
N LYS B 100 7.34 14.50 -20.91
CA LYS B 100 7.38 15.86 -21.41
C LYS B 100 6.58 16.79 -20.51
N ALA B 101 7.14 17.97 -20.24
CA ALA B 101 6.45 19.06 -19.57
C ALA B 101 6.13 20.11 -20.64
N GLY B 102 4.85 20.31 -20.91
CA GLY B 102 4.49 21.03 -22.12
C GLY B 102 4.95 20.22 -23.32
N THR B 103 5.69 20.88 -24.21
CA THR B 103 6.27 20.19 -25.36
C THR B 103 7.71 19.74 -25.12
N THR B 104 8.35 20.23 -24.07
CA THR B 104 9.76 19.94 -23.83
C THR B 104 9.93 18.55 -23.22
N THR B 105 10.78 17.74 -23.82
CA THR B 105 11.17 16.47 -23.21
C THR B 105 11.97 16.74 -21.94
N VAL B 106 11.58 16.08 -20.85
CA VAL B 106 12.15 16.36 -19.53
C VAL B 106 12.58 15.11 -18.78
N GLY B 107 12.47 13.92 -19.37
CA GLY B 107 12.87 12.73 -18.66
C GLY B 107 12.82 11.47 -19.50
N ASP B 108 13.61 10.49 -19.09
CA ASP B 108 13.60 9.14 -19.66
C ASP B 108 12.67 8.23 -18.85
N ILE B 109 12.31 7.11 -19.46
CA ILE B 109 11.49 6.09 -18.82
C ILE B 109 12.34 4.84 -18.65
N LEU B 110 12.60 4.47 -17.40
CA LEU B 110 13.41 3.28 -17.10
C LEU B 110 12.59 2.01 -17.03
N ALA B 111 11.35 2.10 -16.54
CA ALA B 111 10.50 0.93 -16.38
C ALA B 111 9.05 1.38 -16.45
N ALA B 112 8.17 0.42 -16.69
CA ALA B 112 6.77 0.71 -16.91
C ALA B 112 5.90 -0.30 -16.17
N TYR B 113 4.90 0.21 -15.45
CA TYR B 113 3.96 -0.60 -14.70
C TYR B 113 2.57 -0.29 -15.23
N GLN B 114 1.86 -1.33 -15.69
CA GLN B 114 0.48 -1.14 -16.11
C GLN B 114 -0.34 -2.37 -15.74
N VAL B 115 -1.47 -2.12 -15.10
CA VAL B 115 -2.38 -3.16 -14.66
C VAL B 115 -3.72 -2.94 -15.33
N HIS B 116 -4.24 -3.97 -15.99
CA HIS B 116 -5.56 -3.92 -16.61
C HIS B 116 -6.55 -4.47 -15.58
N GLY B 117 -7.29 -3.56 -14.96
CA GLY B 117 -8.16 -3.89 -13.86
C GLY B 117 -9.56 -4.23 -14.29
N LEU B 118 -10.47 -4.24 -13.32
CA LEU B 118 -11.86 -4.55 -13.59
C LEU B 118 -12.42 -3.63 -14.66
N GLY B 119 -13.35 -4.16 -15.45
CA GLY B 119 -13.94 -3.40 -16.54
C GLY B 119 -12.86 -2.96 -17.51
N ASN B 120 -12.64 -1.65 -17.59
CA ASN B 120 -11.60 -1.08 -18.45
C ASN B 120 -10.59 -0.28 -17.63
N HIS B 121 -10.63 -0.41 -16.31
CA HIS B 121 -9.71 0.33 -15.44
C HIS B 121 -8.26 0.02 -15.78
N THR B 122 -7.48 1.08 -15.93
CA THR B 122 -6.06 1.00 -16.26
C THR B 122 -5.31 1.80 -15.22
N THR B 123 -4.24 1.22 -14.69
CA THR B 123 -3.35 1.89 -13.76
C THR B 123 -1.96 1.84 -14.35
N THR B 124 -1.36 3.00 -14.56
CA THR B 124 -0.06 3.09 -15.21
C THR B 124 0.91 3.83 -14.29
N ALA B 125 2.11 3.28 -14.15
CA ALA B 125 3.17 3.91 -13.37
C ALA B 125 4.45 3.86 -14.18
N TYR B 126 5.05 5.02 -14.41
CA TYR B 126 6.31 5.13 -15.14
C TYR B 126 7.41 5.48 -14.15
N VAL B 127 8.54 4.78 -14.23
CA VAL B 127 9.75 5.17 -13.52
C VAL B 127 10.48 6.17 -14.41
N VAL B 128 10.43 7.44 -14.05
CA VAL B 128 10.94 8.52 -14.88
C VAL B 128 12.17 9.10 -14.23
N ARG B 129 13.27 9.17 -14.99
CA ARG B 129 14.49 9.83 -14.56
C ARG B 129 14.57 11.17 -15.26
N MET B 130 14.45 12.25 -14.50
CA MET B 130 14.41 13.59 -15.08
C MET B 130 15.76 13.95 -15.68
N THR B 131 15.74 14.34 -16.96
CA THR B 131 16.92 14.89 -17.62
C THR B 131 16.86 16.41 -17.73
N ALA B 132 15.87 17.03 -17.09
CA ALA B 132 15.72 18.48 -17.01
C ALA B 132 14.73 18.78 -15.90
N GLY B 133 14.78 20.01 -15.41
CA GLY B 133 13.80 20.43 -14.42
C GLY B 133 12.44 20.68 -15.02
N ALA B 134 11.42 20.67 -14.17
CA ALA B 134 10.04 20.89 -14.61
C ALA B 134 9.23 21.45 -13.46
N ASN B 135 8.25 22.29 -13.80
CA ASN B 135 7.42 22.99 -12.82
C ASN B 135 5.95 22.89 -13.21
N PRO B 136 5.34 21.71 -13.02
CA PRO B 136 3.93 21.55 -13.38
C PRO B 136 3.03 22.40 -12.50
N GLN B 137 2.16 23.10 -13.22
CA GLN B 137 1.29 24.13 -12.72
C GLN B 137 -0.15 23.64 -12.79
N VAL B 138 -0.74 23.36 -11.64
CA VAL B 138 -2.03 22.65 -11.59
C VAL B 138 -3.14 23.61 -11.17
N SER B 139 -4.06 23.89 -12.11
CA SER B 139 -5.21 24.76 -11.83
C SER B 139 -6.30 24.04 -11.05
N ALA B 140 -6.64 22.82 -11.46
CA ALA B 140 -7.71 22.04 -10.83
C ALA B 140 -7.10 20.78 -10.22
N GLY B 141 -7.26 20.63 -8.90
CA GLY B 141 -6.65 19.55 -8.17
C GLY B 141 -7.61 18.40 -7.86
N ILE B 142 -7.02 17.28 -7.44
CA ILE B 142 -7.73 16.07 -7.10
C ILE B 142 -7.13 15.48 -5.82
N VAL B 143 -7.98 14.97 -4.94
CA VAL B 143 -7.57 14.21 -3.77
C VAL B 143 -8.32 12.89 -3.76
N THR B 144 -7.86 11.95 -2.92
CA THR B 144 -8.53 10.67 -2.74
C THR B 144 -9.50 10.71 -1.56
N ASN B 145 -10.61 10.01 -1.71
CA ASN B 145 -11.66 9.90 -0.71
C ASN B 145 -11.83 8.45 -0.31
N LYS B 146 -12.47 8.23 0.83
CA LYS B 146 -12.98 6.89 1.16
C LYS B 146 -14.11 7.04 2.16
N GLY B 147 -15.33 6.72 1.73
CA GLY B 147 -16.47 6.64 2.62
C GLY B 147 -16.55 5.27 3.30
N THR B 148 -17.52 5.15 4.21
CA THR B 148 -17.62 3.92 5.00
C THR B 148 -18.02 2.70 4.17
N ASN B 149 -18.67 2.92 3.02
CA ASN B 149 -19.05 1.82 2.14
C ASN B 149 -18.29 1.86 0.82
N ASP B 150 -17.21 2.63 0.75
CA ASP B 150 -16.20 2.46 -0.27
C ASP B 150 -15.15 1.50 0.29
N TYR B 151 -14.69 0.59 -0.55
CA TYR B 151 -13.66 -0.35 -0.16
C TYR B 151 -12.34 -0.03 -0.82
N ASP B 152 -12.30 1.00 -1.66
CA ASP B 152 -11.07 1.48 -2.27
C ASP B 152 -11.09 3.01 -2.23
N LEU B 153 -9.92 3.60 -2.45
CA LEU B 153 -9.83 5.03 -2.61
C LEU B 153 -10.63 5.48 -3.83
N LYS B 154 -11.19 6.70 -3.75
CA LYS B 154 -11.91 7.31 -4.85
C LYS B 154 -11.48 8.76 -4.97
N THR B 155 -11.52 9.28 -6.19
CA THR B 155 -11.04 10.62 -6.45
C THR B 155 -12.12 11.65 -6.11
N ALA B 156 -11.65 12.82 -5.70
CA ALA B 156 -12.53 13.95 -5.42
C ALA B 156 -11.77 15.20 -5.81
N ASN B 157 -12.51 16.27 -6.08
CA ASN B 157 -11.88 17.51 -6.50
C ASN B 157 -11.26 18.19 -5.29
N SER B 158 -9.97 18.53 -5.39
CA SER B 158 -9.36 19.44 -4.45
C SER B 158 -10.14 20.75 -4.44
N ASN B 159 -9.90 21.57 -3.43
CA ASN B 159 -10.53 22.89 -3.45
C ASN B 159 -9.64 23.99 -4.04
N ALA B 160 -8.40 23.69 -4.42
CA ALA B 160 -7.58 24.66 -5.14
C ALA B 160 -6.39 23.95 -5.77
N GLY B 161 -5.63 24.71 -6.56
CA GLY B 161 -4.48 24.20 -7.26
C GLY B 161 -3.20 24.24 -6.43
N PHE B 162 -2.10 23.99 -7.12
CA PHE B 162 -0.77 23.88 -6.52
C PHE B 162 0.23 23.78 -7.68
N SER B 163 1.50 23.64 -7.31
CA SER B 163 2.53 23.38 -8.30
C SER B 163 3.50 22.33 -7.75
N TRP B 164 4.10 21.58 -8.66
CA TRP B 164 5.15 20.62 -8.33
C TRP B 164 6.48 21.15 -8.83
N ASN B 165 7.56 20.72 -8.18
CA ASN B 165 8.91 21.02 -8.62
C ASN B 165 9.67 19.72 -8.78
N LEU B 166 10.07 19.42 -10.00
CA LEU B 166 10.74 18.16 -10.34
C LEU B 166 12.19 18.48 -10.66
N GLY B 167 13.10 18.07 -9.77
CA GLY B 167 14.51 18.32 -9.99
C GLY B 167 15.09 17.37 -11.02
N SER B 168 15.97 17.91 -11.86
CA SER B 168 16.61 17.09 -12.87
C SER B 168 17.57 16.11 -12.19
N GLY B 169 17.63 14.90 -12.73
CA GLY B 169 18.39 13.84 -12.12
C GLY B 169 17.64 13.01 -11.10
N THR B 170 16.60 13.57 -10.48
CA THR B 170 15.81 12.83 -9.51
C THR B 170 14.85 11.88 -10.22
N TRP B 171 14.56 10.76 -9.56
CA TRP B 171 13.64 9.75 -10.07
C TRP B 171 12.25 9.99 -9.50
N TYR B 172 11.24 9.86 -10.35
CA TYR B 172 9.85 10.00 -9.93
C TYR B 172 9.02 8.88 -10.51
N LEU B 173 8.04 8.42 -9.72
CA LEU B 173 7.01 7.51 -10.21
C LEU B 173 5.82 8.35 -10.66
N MET B 174 5.50 8.29 -11.94
CA MET B 174 4.44 9.12 -12.52
C MET B 174 3.27 8.23 -12.89
N MET B 175 2.14 8.46 -12.23
CA MET B 175 1.02 7.53 -12.29
C MET B 175 -0.17 8.16 -13.02
N SER B 176 -1.01 7.29 -13.57
CA SER B 176 -2.18 7.70 -14.32
C SER B 176 -3.27 6.65 -14.14
N PHE B 177 -4.52 7.11 -14.05
CA PHE B 177 -5.64 6.24 -13.74
C PHE B 177 -6.81 6.62 -14.64
N GLY B 178 -7.32 5.66 -15.39
CA GLY B 178 -8.46 5.92 -16.23
C GLY B 178 -8.87 4.68 -16.98
N ASP B 179 -10.00 4.79 -17.65
CA ASP B 179 -10.51 3.70 -18.47
C ASP B 179 -9.96 3.84 -19.88
N ALA B 180 -9.58 2.72 -20.48
CA ALA B 180 -8.94 2.73 -21.77
C ALA B 180 -9.19 1.41 -22.47
N LEU B 181 -9.08 1.43 -23.79
CA LEU B 181 -9.30 0.26 -24.62
C LEU B 181 -7.98 -0.41 -24.95
N GLY B 182 -8.08 -1.70 -25.21
CA GLY B 182 -6.96 -2.50 -25.68
C GLY B 182 -7.25 -3.97 -25.45
N SER B 183 -7.02 -4.80 -26.47
CA SER B 183 -7.15 -6.25 -26.31
C SER B 183 -5.96 -6.77 -25.50
N LEU B 184 -5.91 -8.09 -25.38
CA LEU B 184 -5.09 -8.73 -24.36
C LEU B 184 -3.61 -8.48 -24.57
N GLY B 185 -2.93 -8.08 -23.49
CA GLY B 185 -1.51 -7.81 -23.54
C GLY B 185 -1.09 -6.56 -24.27
N THR B 186 -2.02 -5.73 -24.72
CA THR B 186 -1.67 -4.50 -25.43
C THR B 186 -1.54 -3.33 -24.45
N TRP B 187 -0.47 -2.56 -24.61
CA TRP B 187 -0.23 -1.40 -23.76
C TRP B 187 -1.31 -0.34 -23.99
N ARG B 188 -1.89 0.16 -22.90
CA ARG B 188 -2.99 1.11 -22.95
C ARG B 188 -2.50 2.54 -22.71
N TRP B 189 -3.23 3.49 -23.29
CA TRP B 189 -2.94 4.90 -23.16
C TRP B 189 -4.14 5.59 -22.51
N THR B 190 -3.90 6.29 -21.40
CA THR B 190 -4.92 7.08 -20.74
C THR B 190 -4.55 8.55 -20.87
N PRO B 191 -4.91 9.23 -21.96
CA PRO B 191 -4.52 10.64 -22.13
C PRO B 191 -5.48 11.66 -21.55
N ASN B 192 -6.61 11.24 -20.97
CA ASN B 192 -7.61 12.18 -20.52
C ASN B 192 -7.27 12.72 -19.13
N GLU B 193 -7.89 13.84 -18.79
CA GLU B 193 -7.83 14.33 -17.42
C GLU B 193 -8.41 13.30 -16.47
N LEU B 194 -7.85 13.26 -15.26
CA LEU B 194 -8.45 12.51 -14.17
C LEU B 194 -9.53 13.37 -13.53
N SER B 195 -10.72 12.78 -13.35
CA SER B 195 -11.85 13.48 -12.77
C SER B 195 -12.28 12.78 -11.47
N ALA B 196 -13.31 13.35 -10.83
CA ALA B 196 -13.78 12.90 -9.53
C ALA B 196 -14.66 11.67 -9.64
N ASN B 197 -14.90 11.03 -8.49
CA ASN B 197 -15.69 9.80 -8.42
C ASN B 197 -15.13 8.72 -9.33
N TYR B 198 -13.81 8.65 -9.43
CA TYR B 198 -13.11 7.54 -10.07
C TYR B 198 -12.50 6.65 -9.00
N THR B 199 -12.76 5.35 -9.08
CA THR B 199 -12.27 4.39 -8.10
C THR B 199 -10.88 3.92 -8.50
N ILE B 200 -9.92 4.08 -7.60
CA ILE B 200 -8.55 3.63 -7.83
C ILE B 200 -8.41 2.29 -7.10
N TYR B 201 -8.42 1.20 -7.87
CA TYR B 201 -8.41 -0.13 -7.29
C TYR B 201 -7.09 -0.41 -6.59
N ASN B 202 -7.19 -1.05 -5.42
CA ASN B 202 -6.03 -1.49 -4.64
C ASN B 202 -5.01 -2.23 -5.51
N CYS B 203 -3.72 -1.95 -5.27
CA CYS B 203 -2.63 -2.47 -6.08
C CYS B 203 -1.31 -2.16 -5.37
N GLU B 204 -0.20 -2.54 -6.02
CA GLU B 204 1.14 -2.36 -5.46
C GLU B 204 1.47 -0.89 -5.20
N ILE B 205 0.96 0.04 -6.00
CA ILE B 205 1.37 1.44 -5.90
C ILE B 205 0.45 2.25 -4.99
N ILE B 206 -0.51 1.60 -4.33
CA ILE B 206 -1.48 2.32 -3.50
C ILE B 206 -0.82 3.07 -2.34
N PRO B 207 0.35 2.66 -1.80
CA PRO B 207 1.01 3.53 -0.81
C PRO B 207 1.46 4.88 -1.37
N CYS B 208 1.62 5.01 -2.69
CA CYS B 208 2.02 6.29 -3.26
C CYS B 208 0.88 7.30 -3.31
N LEU B 209 -0.33 6.92 -2.87
CA LEU B 209 -1.45 7.85 -2.79
C LEU B 209 -1.66 8.38 -1.38
N LEU B 210 -0.93 7.89 -0.40
CA LEU B 210 -0.99 8.39 0.97
C LEU B 210 0.34 9.04 1.34
N LEU B 211 0.31 9.84 2.40
CA LEU B 211 1.49 10.58 2.81
C LEU B 211 2.65 9.62 3.07
N ALA B 212 3.72 9.78 2.30
CA ALA B 212 4.91 8.93 2.40
C ALA B 212 6.10 9.81 2.76
N ASN B 213 6.80 9.43 3.83
CA ASN B 213 7.86 10.26 4.40
C ASN B 213 9.24 9.66 4.19
N ASP B 214 9.44 8.95 3.07
CA ASP B 214 10.76 8.42 2.71
C ASP B 214 11.30 7.48 3.80
N ASP B 215 10.40 6.70 4.40
CA ASP B 215 10.82 5.89 5.54
C ASP B 215 10.33 4.44 5.49
N PHE B 216 9.82 3.96 4.36
CA PHE B 216 9.51 2.54 4.24
C PHE B 216 9.59 2.16 2.76
N HIS B 217 9.91 0.89 2.52
CA HIS B 217 10.10 0.38 1.17
C HIS B 217 8.84 -0.34 0.68
N ILE B 218 8.56 -0.21 -0.61
CA ILE B 218 7.61 -1.05 -1.32
C ILE B 218 8.30 -1.63 -2.55
N VAL B 219 7.75 -2.74 -3.04
CA VAL B 219 8.27 -3.41 -4.22
C VAL B 219 7.16 -3.48 -5.27
N ILE B 220 7.45 -3.01 -6.47
CA ILE B 220 6.47 -3.04 -7.56
C ILE B 220 7.03 -3.84 -8.74
N PRO B 221 6.22 -4.62 -9.43
CA PRO B 221 6.68 -5.28 -10.66
C PRO B 221 6.56 -4.34 -11.86
N THR B 222 7.59 -4.34 -12.71
CA THR B 222 7.64 -3.47 -13.88
C THR B 222 8.19 -4.25 -15.07
N LYS B 223 8.24 -3.58 -16.22
CA LYS B 223 8.89 -4.09 -17.41
C LYS B 223 9.72 -2.99 -18.03
N ASN B 224 10.90 -3.35 -18.53
CA ASN B 224 11.75 -2.44 -19.30
C ASN B 224 11.24 -2.22 -20.72
N ALA B 225 10.00 -2.60 -21.00
CA ALA B 225 9.33 -2.31 -22.26
C ALA B 225 7.95 -1.75 -21.97
N LEU B 226 7.22 -1.36 -23.01
CA LEU B 226 5.83 -0.96 -22.87
C LEU B 226 4.92 -2.18 -22.98
N VAL B 227 5.02 -3.03 -21.97
CA VAL B 227 4.25 -4.28 -21.91
C VAL B 227 3.56 -4.34 -20.55
N PRO B 228 2.25 -4.55 -20.51
CA PRO B 228 1.54 -4.57 -19.24
C PRO B 228 1.74 -5.88 -18.50
N LEU B 229 1.42 -5.85 -17.21
CA LEU B 229 1.39 -7.06 -16.41
C LEU B 229 0.13 -7.86 -16.74
N VAL B 230 0.09 -9.10 -16.24
CA VAL B 230 -1.06 -9.97 -16.51
C VAL B 230 -2.34 -9.32 -16.01
N ALA B 231 -3.41 -9.44 -16.79
CA ALA B 231 -4.65 -8.73 -16.52
C ALA B 231 -5.25 -9.21 -15.21
N ARG B 232 -5.93 -8.29 -14.52
CA ARG B 232 -6.62 -8.61 -13.27
C ARG B 232 -8.12 -8.33 -13.37
CL CL C . 16.74 -21.84 4.35
MG MG D . 0.06 4.37 12.53
#